data_4QGS
#
_entry.id   4QGS
#
_cell.length_a   102.402
_cell.length_b   68.441
_cell.length_c   66.602
_cell.angle_alpha   90.00
_cell.angle_beta   118.46
_cell.angle_gamma   90.00
#
_symmetry.space_group_name_H-M   'C 1 2 1'
#
loop_
_entity.id
_entity.type
_entity.pdbx_description
1 polymer 'Alcohol dehydrogenase YqhD'
2 non-polymer 'ZINC ION'
3 non-polymer 'CHLORIDE ION'
4 water water
#
_entity_poly.entity_id   1
_entity_poly.type   'polypeptide(L)'
_entity_poly.pdbx_seq_one_letter_code
;MSHHHHHHSGSMNNFNLHTPTRILFGKGAIAGLREQIPHDARVLITYGGGSVKKTGVLDQVLDALKGMDVLEFGGIEPNP
AYETLMNAVKLVREQKVTFLLAVGGGSVLDGTKFIAAAANYPENIDPWHILQTGGKEIKSAIPMGCVLTLPATGSESNAG
AVISRKTTGDKQAFHSAHVQPVFAVLDPVYTYTLPPRQVANGVVDAFVHTVEQYVTKPVDAKIQDRFAEGILLTLIEDGP
KALKEPENYDVRANVMWAATQAENGLIGAGVPQDWATHMLGHELTAMHGLDHAQTLAIVLPALWNEKRDTKRAKLLQYAE
RVWNITEGSDDERIDAAIAATRNFFEQLGVPTHLSDYGLDGSSIPALLKKLEEHGMTQLGENHDITLDVSRRIYEAAR
;
_entity_poly.pdbx_strand_id   A
#
# COMPACT_ATOMS: atom_id res chain seq x y z
N ASN A 13 9.84 -14.36 16.55
CA ASN A 13 11.11 -13.75 16.89
C ASN A 13 10.93 -12.35 17.49
N ASN A 14 12.03 -11.64 17.67
CA ASN A 14 12.01 -10.31 18.28
C ASN A 14 11.54 -9.24 17.32
N PHE A 15 10.94 -8.18 17.86
CA PHE A 15 10.50 -7.10 17.01
C PHE A 15 10.34 -5.76 17.74
N ASN A 16 10.27 -4.71 16.93
CA ASN A 16 10.14 -3.34 17.36
C ASN A 16 8.93 -2.77 16.61
N LEU A 17 7.82 -2.60 17.33
CA LEU A 17 6.55 -2.23 16.69
C LEU A 17 6.09 -0.87 17.16
N HIS A 18 5.82 0.03 16.22
CA HIS A 18 5.39 1.37 16.59
C HIS A 18 4.35 1.85 15.59
N THR A 19 3.16 2.13 16.10
CA THR A 19 2.05 2.57 15.26
C THR A 19 1.38 3.81 15.89
N PRO A 20 1.99 4.98 15.73
CA PRO A 20 1.59 6.15 16.51
C PRO A 20 0.40 6.93 15.94
N THR A 21 -0.02 6.63 14.72
CA THR A 21 -1.10 7.42 14.12
C THR A 21 -2.46 7.16 14.73
N ARG A 22 -3.10 8.22 15.22
CA ARG A 22 -4.46 8.12 15.75
C ARG A 22 -5.45 7.92 14.61
N ILE A 23 -6.27 6.89 14.72
CA ILE A 23 -7.27 6.59 13.69
C ILE A 23 -8.64 7.12 14.07
N LEU A 24 -9.20 7.98 13.23
CA LEU A 24 -10.57 8.44 13.40
C LEU A 24 -11.40 7.75 12.34
N PHE A 25 -12.14 6.72 12.73
CA PHE A 25 -12.81 5.86 11.77
C PHE A 25 -14.33 5.97 11.78
N GLY A 26 -14.94 5.94 10.59
CA GLY A 26 -16.37 5.75 10.49
C GLY A 26 -17.12 6.81 9.73
N LYS A 27 -18.41 6.56 9.51
CA LYS A 27 -19.30 7.49 8.83
C LYS A 27 -19.30 8.84 9.54
N GLY A 28 -18.88 9.87 8.82
CA GLY A 28 -18.85 11.21 9.36
C GLY A 28 -17.71 11.45 10.33
N ALA A 29 -16.68 10.60 10.27
CA ALA A 29 -15.54 10.73 11.17
C ALA A 29 -14.81 12.06 11.01
N ILE A 30 -15.04 12.77 9.91
CA ILE A 30 -14.44 14.07 9.72
C ILE A 30 -14.88 15.03 10.83
N ALA A 31 -15.94 14.65 11.55
CA ALA A 31 -16.40 15.42 12.71
C ALA A 31 -15.32 15.53 13.79
N GLY A 32 -14.35 14.62 13.77
CA GLY A 32 -13.28 14.61 14.75
C GLY A 32 -12.02 15.34 14.30
N LEU A 33 -12.02 15.84 13.08
CA LEU A 33 -10.81 16.45 12.48
C LEU A 33 -10.35 17.73 13.15
N ARG A 34 -11.27 18.67 13.27
CA ARG A 34 -10.93 20.01 13.74
C ARG A 34 -10.18 20.03 15.08
N GLU A 35 -10.64 19.21 16.02
CA GLU A 35 -10.06 19.22 17.36
C GLU A 35 -8.64 18.69 17.38
N GLN A 36 -8.22 18.04 16.30
CA GLN A 36 -6.85 17.50 16.23
C GLN A 36 -5.81 18.55 15.84
N ILE A 37 -6.27 19.69 15.36
CA ILE A 37 -5.37 20.70 14.83
C ILE A 37 -5.49 21.95 15.70
N PRO A 38 -4.37 22.52 16.11
CA PRO A 38 -4.37 23.73 16.94
C PRO A 38 -5.23 24.82 16.33
N HIS A 39 -6.02 25.51 17.16
CA HIS A 39 -6.95 26.50 16.65
C HIS A 39 -6.25 27.61 15.87
N ASP A 40 -4.98 27.87 16.19
CA ASP A 40 -4.23 28.94 15.57
C ASP A 40 -3.20 28.43 14.57
N ALA A 41 -3.34 27.18 14.17
CA ALA A 41 -2.44 26.62 13.16
C ALA A 41 -2.57 27.32 11.81
N ARG A 42 -1.47 27.37 11.07
CA ARG A 42 -1.54 27.71 9.66
C ARG A 42 -1.47 26.39 8.90
N VAL A 43 -2.61 25.98 8.35
CA VAL A 43 -2.77 24.64 7.78
C VAL A 43 -2.58 24.65 6.28
N LEU A 44 -1.72 23.78 5.76
CA LEU A 44 -1.67 23.55 4.33
C LEU A 44 -2.34 22.22 3.99
N ILE A 45 -3.44 22.30 3.26
CA ILE A 45 -4.14 21.14 2.73
C ILE A 45 -3.52 20.73 1.39
N THR A 46 -3.04 19.49 1.32
CA THR A 46 -2.43 19.00 0.08
C THR A 46 -3.34 17.98 -0.59
N TYR A 47 -3.36 17.96 -1.92
CA TYR A 47 -4.12 16.94 -2.62
C TYR A 47 -3.56 16.65 -4.01
N GLY A 48 -4.20 15.72 -4.70
CA GLY A 48 -3.66 15.18 -5.94
C GLY A 48 -4.21 15.84 -7.17
N GLY A 49 -4.87 15.03 -8.00
CA GLY A 49 -5.32 15.47 -9.32
C GLY A 49 -6.61 16.27 -9.37
N GLY A 50 -7.32 16.37 -8.24
CA GLY A 50 -8.53 17.18 -8.20
C GLY A 50 -9.85 16.45 -8.09
N SER A 51 -9.83 15.13 -8.07
CA SER A 51 -11.05 14.36 -7.87
C SER A 51 -11.70 14.64 -6.50
N VAL A 52 -10.89 15.00 -5.50
CA VAL A 52 -11.47 15.28 -4.17
C VAL A 52 -12.28 16.57 -4.20
N LYS A 53 -12.00 17.43 -5.18
CA LYS A 53 -12.84 18.59 -5.39
C LYS A 53 -14.19 18.16 -5.93
N LYS A 54 -14.16 17.29 -6.94
CA LYS A 54 -15.36 16.84 -7.62
C LYS A 54 -16.30 16.03 -6.72
N THR A 55 -15.73 15.26 -5.79
CA THR A 55 -16.54 14.38 -4.95
C THR A 55 -17.20 15.14 -3.81
N GLY A 56 -16.65 16.30 -3.48
CA GLY A 56 -17.15 17.05 -2.35
C GLY A 56 -16.36 16.79 -1.07
N VAL A 57 -15.38 15.91 -1.13
CA VAL A 57 -14.59 15.59 0.06
C VAL A 57 -13.75 16.79 0.52
N LEU A 58 -13.11 17.47 -0.42
CA LEU A 58 -12.32 18.64 -0.08
C LEU A 58 -13.20 19.72 0.55
N ASP A 59 -14.40 19.90 0.01
CA ASP A 59 -15.35 20.85 0.60
C ASP A 59 -15.71 20.49 2.04
N GLN A 60 -15.80 19.19 2.34
CA GLN A 60 -16.10 18.78 3.72
C GLN A 60 -14.94 19.10 4.63
N VAL A 61 -13.71 18.94 4.13
CA VAL A 61 -12.54 19.29 4.91
C VAL A 61 -12.51 20.79 5.17
N LEU A 62 -12.74 21.58 4.12
CA LEU A 62 -12.76 23.03 4.24
C LEU A 62 -13.84 23.48 5.23
N ASP A 63 -15.03 22.87 5.15
CA ASP A 63 -16.10 23.19 6.10
C ASP A 63 -15.74 22.83 7.53
N ALA A 64 -15.10 21.67 7.72
CA ALA A 64 -14.73 21.24 9.06
C ALA A 64 -13.75 22.22 9.71
N LEU A 65 -12.95 22.88 8.88
CA LEU A 65 -11.90 23.77 9.36
C LEU A 65 -12.26 25.25 9.22
N LYS A 66 -13.52 25.53 8.96
CA LYS A 66 -13.94 26.89 8.63
C LYS A 66 -13.59 27.84 9.78
N GLY A 67 -12.99 28.97 9.44
CA GLY A 67 -12.60 29.95 10.44
C GLY A 67 -11.13 29.84 10.81
N MET A 68 -10.53 28.70 10.47
CA MET A 68 -9.10 28.52 10.70
C MET A 68 -8.31 29.02 9.50
N ASP A 69 -7.01 29.20 9.71
CA ASP A 69 -6.10 29.73 8.72
C ASP A 69 -5.66 28.60 7.78
N VAL A 70 -6.37 28.46 6.66
CA VAL A 70 -6.14 27.33 5.76
CA VAL A 70 -6.16 27.32 5.76
C VAL A 70 -5.67 27.75 4.37
N LEU A 71 -4.63 27.07 3.89
CA LEU A 71 -4.10 27.26 2.54
C LEU A 71 -4.21 25.93 1.78
N GLU A 72 -4.07 25.98 0.46
CA GLU A 72 -4.19 24.77 -0.35
C GLU A 72 -3.00 24.58 -1.30
N PHE A 73 -2.65 23.32 -1.55
CA PHE A 73 -1.63 22.99 -2.54
C PHE A 73 -1.98 21.66 -3.20
N GLY A 74 -2.36 21.70 -4.46
CA GLY A 74 -2.75 20.49 -5.16
C GLY A 74 -1.77 20.12 -6.24
N GLY A 75 -2.10 19.08 -7.00
CA GLY A 75 -1.29 18.67 -8.12
C GLY A 75 -0.26 17.60 -7.83
N ILE A 76 -0.30 17.04 -6.62
CA ILE A 76 0.58 15.93 -6.29
C ILE A 76 0.17 14.75 -7.18
N GLU A 77 1.09 14.33 -8.05
CA GLU A 77 0.78 13.29 -9.03
C GLU A 77 0.99 11.90 -8.43
N PRO A 78 0.37 10.89 -9.06
CA PRO A 78 0.77 9.53 -8.71
C PRO A 78 2.27 9.43 -8.98
N ASN A 79 3.01 8.74 -8.11
CA ASN A 79 4.47 8.88 -8.11
C ASN A 79 4.84 10.36 -7.97
N PRO A 80 4.62 10.92 -6.77
CA PRO A 80 4.84 12.36 -6.55
C PRO A 80 6.25 12.80 -6.91
N ALA A 81 6.36 13.83 -7.75
CA ALA A 81 7.66 14.28 -8.25
C ALA A 81 8.41 15.14 -7.23
N TYR A 82 9.72 14.91 -7.14
CA TYR A 82 10.61 15.70 -6.28
C TYR A 82 10.51 17.17 -6.64
N GLU A 83 10.25 17.43 -7.93
CA GLU A 83 9.95 18.76 -8.42
C GLU A 83 8.90 19.43 -7.56
N THR A 84 7.68 18.89 -7.65
CA THR A 84 6.50 19.52 -7.10
C THR A 84 6.51 19.58 -5.58
N LEU A 85 7.00 18.52 -4.95
CA LEU A 85 7.04 18.48 -3.49
C LEU A 85 7.93 19.60 -2.95
N MET A 86 9.01 19.91 -3.65
CA MET A 86 9.90 21.00 -3.26
C MET A 86 9.22 22.36 -3.38
N ASN A 87 8.35 22.50 -4.37
CA ASN A 87 7.53 23.72 -4.51
C ASN A 87 6.65 23.92 -3.29
N ALA A 88 6.12 22.82 -2.77
CA ALA A 88 5.29 22.88 -1.58
C ALA A 88 6.15 23.21 -0.37
N VAL A 89 7.34 22.65 -0.33
CA VAL A 89 8.28 22.93 0.76
C VAL A 89 8.60 24.43 0.76
N LYS A 90 8.69 24.99 -0.44
CA LYS A 90 8.91 26.42 -0.61
C LYS A 90 7.76 27.24 0.00
N LEU A 91 6.54 26.94 -0.42
CA LEU A 91 5.35 27.63 0.08
C LEU A 91 5.25 27.51 1.59
N VAL A 92 5.51 26.31 2.10
CA VAL A 92 5.40 26.04 3.53
C VAL A 92 6.29 26.94 4.38
N ARG A 93 7.58 27.04 4.02
CA ARG A 93 8.50 27.84 4.80
C ARG A 93 8.27 29.33 4.59
N GLU A 94 7.82 29.70 3.39
CA GLU A 94 7.56 31.09 3.04
C GLU A 94 6.33 31.62 3.78
N GLN A 95 5.29 30.80 3.82
CA GLN A 95 4.02 31.18 4.45
C GLN A 95 3.97 30.75 5.92
N LYS A 96 5.03 30.09 6.37
CA LYS A 96 5.14 29.61 7.75
C LYS A 96 3.97 28.70 8.14
N VAL A 97 3.72 27.71 7.30
CA VAL A 97 2.76 26.64 7.59
C VAL A 97 3.22 25.85 8.82
N THR A 98 2.29 25.52 9.70
CA THR A 98 2.61 24.80 10.92
C THR A 98 1.94 23.44 11.01
N PHE A 99 1.11 23.12 10.02
CA PHE A 99 0.44 21.82 10.00
C PHE A 99 0.07 21.45 8.56
N LEU A 100 0.33 20.20 8.19
CA LEU A 100 -0.01 19.71 6.85
C LEU A 100 -1.18 18.73 6.89
N LEU A 101 -2.10 18.83 5.94
CA LEU A 101 -3.25 17.93 5.91
C LEU A 101 -3.44 17.30 4.54
N ALA A 102 -3.00 16.04 4.42
CA ALA A 102 -3.07 15.36 3.13
C ALA A 102 -4.48 14.80 2.91
N VAL A 103 -5.09 15.17 1.79
CA VAL A 103 -6.41 14.68 1.47
C VAL A 103 -6.35 13.90 0.15
N GLY A 104 -6.55 12.58 0.24
CA GLY A 104 -6.46 11.73 -0.94
C GLY A 104 -5.98 10.33 -0.61
N GLY A 105 -5.19 9.74 -1.51
CA GLY A 105 -4.68 8.40 -1.29
C GLY A 105 -3.20 8.36 -0.93
N GLY A 106 -2.59 7.20 -1.14
CA GLY A 106 -1.21 6.97 -0.71
C GLY A 106 -0.19 7.87 -1.35
N SER A 107 -0.45 8.26 -2.60
CA SER A 107 0.42 9.18 -3.32
C SER A 107 0.47 10.55 -2.65
N VAL A 108 -0.70 11.07 -2.28
CA VAL A 108 -0.77 12.37 -1.61
C VAL A 108 -0.13 12.26 -0.24
N LEU A 109 -0.43 11.18 0.45
CA LEU A 109 0.12 10.94 1.77
C LEU A 109 1.64 10.89 1.73
N ASP A 110 2.18 10.09 0.81
CA ASP A 110 3.63 9.89 0.73
C ASP A 110 4.36 11.20 0.43
N GLY A 111 3.85 11.96 -0.53
CA GLY A 111 4.45 13.21 -0.90
C GLY A 111 4.39 14.19 0.26
N THR A 112 3.30 14.14 1.00
CA THR A 112 3.14 15.06 2.12
C THR A 112 4.10 14.70 3.25
N LYS A 113 4.36 13.41 3.42
CA LYS A 113 5.33 12.96 4.41
C LYS A 113 6.69 13.57 4.08
N PHE A 114 7.02 13.60 2.80
CA PHE A 114 8.29 14.15 2.38
C PHE A 114 8.34 15.64 2.65
N ILE A 115 7.26 16.35 2.33
CA ILE A 115 7.20 17.79 2.59
C ILE A 115 7.41 18.09 4.07
N ALA A 116 6.75 17.32 4.94
CA ALA A 116 6.85 17.52 6.39
C ALA A 116 8.29 17.39 6.90
N ALA A 117 9.02 16.43 6.37
CA ALA A 117 10.39 16.19 6.83
C ALA A 117 11.35 17.17 6.18
N ALA A 118 11.21 17.33 4.87
CA ALA A 118 12.08 18.24 4.13
C ALA A 118 12.05 19.64 4.72
N ALA A 119 10.88 20.03 5.24
CA ALA A 119 10.68 21.39 5.70
C ALA A 119 11.50 21.75 6.93
N ASN A 120 11.70 20.79 7.82
CA ASN A 120 12.62 20.99 8.95
C ASN A 120 14.01 20.42 8.74
N TYR A 121 14.29 19.99 7.51
CA TYR A 121 15.67 19.68 7.16
C TYR A 121 16.36 21.03 7.06
N PRO A 122 17.63 21.10 7.50
CA PRO A 122 18.35 22.38 7.55
C PRO A 122 18.34 23.18 6.23
N GLU A 123 17.62 24.30 6.29
CA GLU A 123 17.76 25.49 5.42
C GLU A 123 18.43 25.34 4.05
N ASN A 124 19.67 24.84 4.05
CA ASN A 124 20.56 24.97 2.89
C ASN A 124 20.88 23.63 2.24
N ILE A 125 21.22 22.66 3.08
CA ILE A 125 21.50 21.29 2.66
C ILE A 125 20.30 20.76 1.87
N ASP A 126 20.53 19.88 0.89
CA ASP A 126 19.44 19.43 0.02
C ASP A 126 18.70 18.22 0.60
N PRO A 127 17.36 18.27 0.54
CA PRO A 127 16.38 17.30 1.05
C PRO A 127 16.47 15.92 0.40
N TRP A 128 17.15 15.81 -0.73
CA TRP A 128 17.27 14.48 -1.33
C TRP A 128 18.00 13.44 -0.48
N HIS A 129 18.91 13.83 0.40
CA HIS A 129 19.40 12.83 1.36
C HIS A 129 18.38 12.26 2.38
N ILE A 130 17.14 12.77 2.45
CA ILE A 130 16.06 11.97 3.06
C ILE A 130 15.93 10.61 2.35
N LEU A 131 15.91 10.65 1.03
CA LEU A 131 15.74 9.43 0.24
C LEU A 131 16.99 8.56 0.22
N GLN A 132 18.16 9.18 0.20
CA GLN A 132 19.42 8.45 0.24
C GLN A 132 19.60 7.65 1.52
N THR A 133 19.01 8.16 2.60
CA THR A 133 19.13 7.50 3.91
C THR A 133 17.89 6.76 4.36
N GLY A 134 16.89 6.72 3.48
CA GLY A 134 15.65 6.07 3.81
C GLY A 134 14.96 6.71 5.00
N GLY A 135 15.21 7.99 5.21
CA GLY A 135 14.59 8.73 6.29
C GLY A 135 15.18 8.45 7.66
N LYS A 136 16.32 7.74 7.68
CA LYS A 136 16.97 7.34 8.93
C LYS A 136 17.43 8.53 9.77
N GLU A 137 17.68 9.66 9.11
CA GLU A 137 18.28 10.81 9.75
C GLU A 137 17.28 11.94 10.05
N ILE A 138 15.99 11.67 9.84
CA ILE A 138 14.97 12.66 10.15
C ILE A 138 14.83 12.79 11.67
N LYS A 139 15.00 14.01 12.18
CA LYS A 139 14.92 14.29 13.62
C LYS A 139 13.59 14.91 13.99
N SER A 140 12.94 15.54 13.01
CA SER A 140 11.70 16.25 13.27
C SER A 140 10.99 16.48 11.95
N ALA A 141 9.69 16.73 12.05
CA ALA A 141 8.90 17.00 10.86
C ALA A 141 7.74 17.91 11.23
N ILE A 142 7.27 18.68 10.26
CA ILE A 142 6.03 19.43 10.44
C ILE A 142 4.91 18.45 10.74
N PRO A 143 4.13 18.74 11.78
CA PRO A 143 3.02 17.84 12.13
C PRO A 143 2.09 17.68 10.94
N MET A 144 1.58 16.48 10.73
CA MET A 144 0.67 16.26 9.61
C MET A 144 -0.39 15.24 9.95
N GLY A 145 -1.56 15.40 9.33
CA GLY A 145 -2.64 14.43 9.44
C GLY A 145 -3.12 14.14 8.04
N CYS A 146 -4.09 13.24 7.92
CA CYS A 146 -4.63 12.94 6.60
C CYS A 146 -6.09 12.55 6.64
N VAL A 147 -6.72 12.71 5.49
CA VAL A 147 -8.07 12.25 5.26
C VAL A 147 -7.96 11.32 4.05
N LEU A 148 -8.11 10.01 4.29
CA LEU A 148 -7.81 9.02 3.24
C LEU A 148 -9.04 8.59 2.45
N THR A 149 -8.98 8.75 1.14
CA THR A 149 -10.11 8.40 0.29
C THR A 149 -10.04 6.94 -0.16
N LEU A 150 -8.95 6.30 0.23
CA LEU A 150 -8.79 4.86 0.12
C LEU A 150 -7.62 4.47 1.03
N PRO A 151 -7.55 3.21 1.47
CA PRO A 151 -6.51 2.83 2.44
C PRO A 151 -5.09 3.06 1.92
N ALA A 152 -4.18 3.41 2.82
CA ALA A 152 -2.79 3.65 2.46
C ALA A 152 -1.86 3.25 3.60
N ALA A 159 5.18 7.02 8.40
CA ALA A 159 6.51 6.59 8.00
C ALA A 159 6.44 5.57 6.86
N GLY A 160 6.81 5.98 5.66
CA GLY A 160 6.66 5.11 4.52
C GLY A 160 6.14 5.94 3.37
N ALA A 161 7.05 6.29 2.49
CA ALA A 161 6.71 7.16 1.39
C ALA A 161 7.66 6.91 0.23
N VAL A 162 7.10 6.81 -0.96
CA VAL A 162 7.90 6.50 -2.14
C VAL A 162 7.87 7.68 -3.11
N ILE A 163 8.98 8.42 -3.15
CA ILE A 163 9.08 9.66 -3.91
C ILE A 163 9.82 9.45 -5.22
N SER A 164 9.35 10.11 -6.27
CA SER A 164 9.98 10.04 -7.58
C SER A 164 10.57 11.39 -7.93
N ARG A 165 11.72 11.37 -8.62
CA ARG A 165 12.30 12.61 -9.14
C ARG A 165 11.81 12.83 -10.57
N LYS A 166 11.23 11.79 -11.15
CA LYS A 166 10.74 11.71 -12.53
C LYS A 166 11.68 12.32 -13.61
N THR A 167 12.42 13.39 -13.31
CA THR A 167 13.35 14.00 -14.27
C THR A 167 14.26 12.98 -14.97
N THR A 168 14.57 11.88 -14.28
CA THR A 168 15.07 10.67 -14.92
C THR A 168 14.52 9.44 -14.21
N GLY A 169 13.24 9.50 -13.82
CA GLY A 169 12.55 8.30 -13.38
C GLY A 169 12.96 7.59 -12.10
N ASP A 170 13.31 8.34 -11.07
CA ASP A 170 13.66 7.75 -9.77
C ASP A 170 12.40 7.32 -9.05
N LYS A 171 12.56 6.57 -7.98
CA LYS A 171 11.46 6.31 -7.06
C LYS A 171 11.99 5.54 -5.86
N GLN A 172 12.42 6.28 -4.84
CA GLN A 172 12.95 5.68 -3.62
C GLN A 172 11.98 5.79 -2.46
N ALA A 173 12.21 5.01 -1.42
CA ALA A 173 11.34 5.00 -0.26
C ALA A 173 12.04 5.57 0.98
N PHE A 174 11.25 6.00 1.96
CA PHE A 174 11.81 6.42 3.24
C PHE A 174 10.81 6.26 4.37
N HIS A 175 11.33 5.95 5.55
CA HIS A 175 10.54 5.66 6.74
C HIS A 175 11.07 6.50 7.90
N SER A 176 10.18 7.12 8.65
CA SER A 176 10.59 7.89 9.83
C SER A 176 9.45 8.06 10.83
N ALA A 177 9.73 7.72 12.09
CA ALA A 177 8.75 7.85 13.16
C ALA A 177 8.21 9.27 13.32
N HIS A 178 8.80 10.23 12.61
CA HIS A 178 8.42 11.62 12.73
C HIS A 178 7.55 12.11 11.57
N VAL A 179 7.61 11.42 10.43
CA VAL A 179 6.81 11.81 9.27
C VAL A 179 5.50 11.05 9.27
N GLN A 180 5.29 10.25 10.30
CA GLN A 180 4.02 9.56 10.44
C GLN A 180 2.94 10.56 10.81
N PRO A 181 1.76 10.43 10.19
CA PRO A 181 0.67 11.35 10.52
C PRO A 181 0.24 11.24 11.98
N VAL A 182 -0.08 12.37 12.59
CA VAL A 182 -0.56 12.35 13.96
C VAL A 182 -1.94 11.69 13.97
N PHE A 183 -2.71 11.89 12.90
CA PHE A 183 -4.02 11.23 12.80
C PHE A 183 -4.37 10.88 11.36
N ALA A 184 -5.32 9.97 11.20
CA ALA A 184 -5.85 9.66 9.89
C ALA A 184 -7.36 9.54 10.00
N VAL A 185 -8.08 10.30 9.18
CA VAL A 185 -9.52 10.16 9.10
C VAL A 185 -9.88 9.14 8.04
N LEU A 186 -10.56 8.08 8.46
CA LEU A 186 -10.97 6.98 7.58
C LEU A 186 -12.48 6.85 7.60
N ASP A 187 -13.14 7.43 6.60
CA ASP A 187 -14.58 7.33 6.49
C ASP A 187 -14.93 6.47 5.28
N PRO A 188 -15.50 5.29 5.52
CA PRO A 188 -15.84 4.38 4.42
C PRO A 188 -16.75 5.02 3.37
N VAL A 189 -17.57 5.98 3.77
CA VAL A 189 -18.45 6.63 2.80
C VAL A 189 -17.66 7.30 1.66
N TYR A 190 -16.47 7.81 1.98
CA TYR A 190 -15.63 8.42 0.96
C TYR A 190 -15.14 7.40 -0.08
N THR A 191 -15.24 6.11 0.22
CA THR A 191 -14.81 5.09 -0.74
C THR A 191 -15.93 4.68 -1.70
N TYR A 192 -17.16 5.14 -1.46
CA TYR A 192 -18.29 4.76 -2.32
C TYR A 192 -18.08 5.12 -3.80
N THR A 193 -17.35 6.22 -4.03
CA THR A 193 -17.20 6.74 -5.39
C THR A 193 -16.05 6.09 -6.19
N LEU A 194 -15.25 5.25 -5.54
CA LEU A 194 -14.17 4.56 -6.24
C LEU A 194 -14.69 3.70 -7.39
N PRO A 195 -14.07 3.82 -8.57
CA PRO A 195 -14.48 2.92 -9.65
C PRO A 195 -14.18 1.48 -9.30
N PRO A 196 -14.94 0.53 -9.88
CA PRO A 196 -14.79 -0.90 -9.61
C PRO A 196 -13.34 -1.36 -9.77
N ARG A 197 -12.66 -0.85 -10.80
CA ARG A 197 -11.25 -1.17 -11.02
C ARG A 197 -10.40 -0.89 -9.78
N GLN A 198 -10.60 0.29 -9.20
CA GLN A 198 -9.83 0.68 -8.03
CA GLN A 198 -9.83 0.69 -8.02
C GLN A 198 -10.26 -0.09 -6.79
N VAL A 199 -11.54 -0.42 -6.69
CA VAL A 199 -12.03 -1.20 -5.53
C VAL A 199 -11.43 -2.59 -5.57
N ALA A 200 -11.50 -3.22 -6.74
CA ALA A 200 -10.93 -4.57 -6.89
C ALA A 200 -9.42 -4.56 -6.66
N ASN A 201 -8.72 -3.60 -7.27
CA ASN A 201 -7.27 -3.51 -7.05
C ASN A 201 -6.91 -3.37 -5.58
N GLY A 202 -7.68 -2.55 -4.86
CA GLY A 202 -7.43 -2.35 -3.44
C GLY A 202 -7.58 -3.63 -2.65
N VAL A 203 -8.60 -4.41 -2.99
CA VAL A 203 -8.83 -5.68 -2.31
C VAL A 203 -7.67 -6.65 -2.59
N VAL A 204 -7.26 -6.75 -3.84
CA VAL A 204 -6.15 -7.63 -4.19
C VAL A 204 -4.85 -7.20 -3.51
N ASP A 205 -4.57 -5.89 -3.52
CA ASP A 205 -3.32 -5.40 -2.95
C ASP A 205 -3.30 -5.66 -1.44
N ALA A 206 -4.41 -5.38 -0.76
CA ALA A 206 -4.48 -5.70 0.68
C ALA A 206 -4.27 -7.20 0.94
N PHE A 207 -4.88 -8.05 0.11
CA PHE A 207 -4.80 -9.48 0.26
C PHE A 207 -3.35 -9.91 0.12
N VAL A 208 -2.67 -9.38 -0.89
CA VAL A 208 -1.30 -9.78 -1.15
C VAL A 208 -0.35 -9.21 -0.11
N HIS A 209 -0.55 -7.96 0.33
CA HIS A 209 0.29 -7.45 1.43
C HIS A 209 0.22 -8.37 2.64
N THR A 210 -0.97 -8.92 2.89
CA THR A 210 -1.16 -9.82 4.01
C THR A 210 -0.38 -11.13 3.80
N VAL A 211 -0.53 -11.77 2.63
CA VAL A 211 0.15 -13.06 2.45
C VAL A 211 1.67 -12.91 2.27
N GLU A 212 2.14 -11.71 1.93
CA GLU A 212 3.58 -11.46 1.85
C GLU A 212 4.21 -11.62 3.24
N GLN A 213 3.38 -11.51 4.26
CA GLN A 213 3.83 -11.55 5.65
C GLN A 213 3.30 -12.76 6.41
N TYR A 214 2.66 -13.69 5.70
CA TYR A 214 1.99 -14.81 6.36
C TYR A 214 2.25 -16.13 5.65
N VAL A 215 2.18 -16.16 4.32
CA VAL A 215 2.42 -17.42 3.62
C VAL A 215 3.94 -17.51 3.37
N THR A 216 4.63 -17.89 4.43
CA THR A 216 6.09 -17.83 4.44
C THR A 216 6.65 -19.10 5.10
N LYS A 217 7.01 -18.97 6.38
CA LYS A 217 7.57 -20.09 7.15
C LYS A 217 6.95 -20.10 8.53
N PRO A 218 6.66 -21.29 9.07
CA PRO A 218 6.06 -21.34 10.41
C PRO A 218 7.06 -20.99 11.50
N VAL A 219 6.71 -20.02 12.34
CA VAL A 219 7.57 -19.62 13.46
CA VAL A 219 7.56 -19.63 13.47
C VAL A 219 6.76 -19.61 14.76
N ASP A 220 5.59 -20.25 14.75
CA ASP A 220 4.67 -20.31 15.90
C ASP A 220 4.36 -18.92 16.47
N ALA A 221 4.14 -17.96 15.59
CA ALA A 221 3.64 -16.65 15.96
C ALA A 221 2.11 -16.67 15.84
N LYS A 222 1.44 -17.19 16.86
CA LYS A 222 0.02 -17.50 16.75
C LYS A 222 -0.87 -16.28 16.54
N ILE A 223 -0.59 -15.19 17.25
CA ILE A 223 -1.43 -13.99 17.11
C ILE A 223 -1.28 -13.42 15.70
N GLN A 224 -0.03 -13.31 15.26
CA GLN A 224 0.25 -12.81 13.90
C GLN A 224 -0.46 -13.65 12.84
N ASP A 225 -0.39 -14.98 12.99
CA ASP A 225 -1.08 -15.89 12.08
C ASP A 225 -2.59 -15.71 12.13
N ARG A 226 -3.17 -15.68 13.33
CA ARG A 226 -4.62 -15.53 13.44
C ARG A 226 -5.08 -14.20 12.85
N PHE A 227 -4.30 -13.14 13.07
CA PHE A 227 -4.75 -11.82 12.62
C PHE A 227 -4.67 -11.74 11.09
N ALA A 228 -3.59 -12.27 10.54
CA ALA A 228 -3.44 -12.37 9.08
C ALA A 228 -4.58 -13.16 8.48
N GLU A 229 -4.84 -14.33 9.07
CA GLU A 229 -5.96 -15.18 8.64
C GLU A 229 -7.29 -14.43 8.70
N GLY A 230 -7.48 -13.66 9.77
CA GLY A 230 -8.68 -12.86 9.95
C GLY A 230 -8.86 -11.81 8.87
N ILE A 231 -7.78 -11.13 8.54
CA ILE A 231 -7.82 -10.14 7.46
C ILE A 231 -8.24 -10.81 6.14
N LEU A 232 -7.61 -11.95 5.84
CA LEU A 232 -7.83 -12.65 4.57
C LEU A 232 -9.28 -13.13 4.48
N LEU A 233 -9.78 -13.73 5.56
CA LEU A 233 -11.16 -14.19 5.62
C LEU A 233 -12.16 -13.04 5.40
N THR A 234 -11.87 -11.88 6.00
CA THR A 234 -12.72 -10.70 5.87
C THR A 234 -12.72 -10.18 4.42
N LEU A 235 -11.55 -10.13 3.80
CA LEU A 235 -11.46 -9.67 2.42
C LEU A 235 -12.17 -10.62 1.47
N ILE A 236 -12.08 -11.92 1.72
CA ILE A 236 -12.76 -12.90 0.85
C ILE A 236 -14.27 -12.80 0.99
N GLU A 237 -14.74 -12.57 2.21
CA GLU A 237 -16.18 -12.46 2.43
C GLU A 237 -16.76 -11.15 1.89
N ASP A 238 -16.16 -10.02 2.25
CA ASP A 238 -16.79 -8.72 1.95
C ASP A 238 -16.17 -8.00 0.75
N GLY A 239 -14.99 -8.42 0.32
CA GLY A 239 -14.38 -7.82 -0.86
C GLY A 239 -15.26 -7.89 -2.10
N PRO A 240 -15.77 -9.09 -2.42
CA PRO A 240 -16.67 -9.18 -3.59
C PRO A 240 -17.94 -8.35 -3.39
N LYS A 241 -18.42 -8.25 -2.16
CA LYS A 241 -19.62 -7.47 -1.89
C LYS A 241 -19.39 -5.97 -2.12
N ALA A 242 -18.16 -5.51 -1.97
CA ALA A 242 -17.88 -4.08 -2.12
C ALA A 242 -18.10 -3.69 -3.58
N LEU A 243 -17.95 -4.65 -4.48
CA LEU A 243 -18.18 -4.42 -5.90
C LEU A 243 -19.68 -4.48 -6.22
N LYS A 244 -20.37 -5.42 -5.60
CA LYS A 244 -21.80 -5.64 -5.86
C LYS A 244 -22.68 -4.62 -5.16
N GLU A 245 -22.20 -4.17 -4.01
CA GLU A 245 -22.94 -3.26 -3.16
C GLU A 245 -22.06 -2.09 -2.71
N PRO A 246 -21.72 -1.20 -3.65
CA PRO A 246 -20.74 -0.14 -3.40
C PRO A 246 -21.13 0.82 -2.30
N GLU A 247 -22.42 0.98 -2.05
CA GLU A 247 -22.87 1.89 -0.99
C GLU A 247 -23.38 1.17 0.29
N ASN A 248 -23.05 -0.12 0.41
CA ASN A 248 -23.33 -0.86 1.63
C ASN A 248 -22.28 -0.47 2.68
N TYR A 249 -22.66 0.36 3.64
CA TYR A 249 -21.71 0.90 4.61
C TYR A 249 -20.92 -0.20 5.33
N ASP A 250 -21.62 -1.20 5.87
CA ASP A 250 -20.96 -2.23 6.67
C ASP A 250 -19.90 -2.95 5.84
N VAL A 251 -20.25 -3.24 4.59
CA VAL A 251 -19.33 -3.89 3.66
C VAL A 251 -18.12 -3.02 3.39
N ARG A 252 -18.35 -1.76 3.05
CA ARG A 252 -17.25 -0.85 2.71
C ARG A 252 -16.38 -0.56 3.94
N ALA A 253 -17.01 -0.53 5.10
CA ALA A 253 -16.29 -0.34 6.35
C ALA A 253 -15.37 -1.52 6.66
N ASN A 254 -15.90 -2.73 6.53
CA ASN A 254 -15.09 -3.92 6.78
C ASN A 254 -13.91 -3.98 5.81
N VAL A 255 -14.14 -3.63 4.55
CA VAL A 255 -13.05 -3.72 3.59
C VAL A 255 -11.98 -2.66 3.89
N MET A 256 -12.42 -1.46 4.22
CA MET A 256 -11.50 -0.37 4.50
C MET A 256 -10.64 -0.67 5.74
N TRP A 257 -11.27 -1.22 6.77
CA TRP A 257 -10.57 -1.48 8.03
C TRP A 257 -9.65 -2.68 7.87
N ALA A 258 -10.13 -3.71 7.18
CA ALA A 258 -9.27 -4.86 6.87
C ALA A 258 -8.03 -4.44 6.06
N ALA A 259 -8.23 -3.61 5.04
CA ALA A 259 -7.13 -3.19 4.18
C ALA A 259 -6.15 -2.36 4.98
N THR A 260 -6.66 -1.56 5.91
CA THR A 260 -5.80 -0.76 6.75
C THR A 260 -4.91 -1.66 7.60
N GLN A 261 -5.46 -2.75 8.13
CA GLN A 261 -4.63 -3.67 8.91
C GLN A 261 -3.61 -4.40 8.02
N ALA A 262 -4.00 -4.71 6.78
CA ALA A 262 -3.08 -5.38 5.86
C ALA A 262 -1.84 -4.52 5.58
N GLU A 263 -2.01 -3.21 5.64
CA GLU A 263 -0.90 -2.26 5.41
C GLU A 263 -0.21 -1.72 6.67
N ASN A 264 -0.48 -2.28 7.85
CA ASN A 264 -0.32 -1.52 9.10
C ASN A 264 0.85 -1.86 10.09
N GLY A 265 1.20 -3.13 10.27
CA GLY A 265 2.38 -3.46 11.09
C GLY A 265 2.29 -4.59 12.10
N LEU A 266 1.14 -4.74 12.75
CA LEU A 266 0.95 -5.82 13.70
C LEU A 266 1.16 -7.20 13.06
N ILE A 267 0.63 -7.44 11.86
CA ILE A 267 0.74 -8.79 11.31
C ILE A 267 2.14 -9.16 10.85
N GLY A 268 2.99 -8.17 10.63
CA GLY A 268 4.34 -8.43 10.15
C GLY A 268 5.39 -8.41 11.26
N ALA A 269 5.00 -7.98 12.45
CA ALA A 269 5.97 -7.82 13.53
C ALA A 269 6.41 -9.17 14.04
N GLY A 270 7.70 -9.46 13.86
CA GLY A 270 8.29 -10.68 14.39
C GLY A 270 8.12 -11.95 13.57
N VAL A 271 7.75 -11.80 12.29
CA VAL A 271 7.56 -12.96 11.43
C VAL A 271 8.33 -12.77 10.11
N PRO A 272 8.63 -13.89 9.43
CA PRO A 272 9.37 -13.78 8.16
C PRO A 272 8.54 -13.03 7.15
N GLN A 273 9.19 -12.28 6.28
CA GLN A 273 8.45 -11.57 5.23
C GLN A 273 9.06 -11.86 3.89
N ASP A 274 8.20 -11.93 2.88
CA ASP A 274 8.60 -12.37 1.55
C ASP A 274 8.89 -11.15 0.67
N TRP A 275 7.82 -10.62 0.06
CA TRP A 275 7.81 -9.44 -0.80
C TRP A 275 8.34 -9.70 -2.19
N ALA A 276 8.68 -10.95 -2.50
CA ALA A 276 9.17 -11.27 -3.84
C ALA A 276 8.07 -11.07 -4.89
N THR A 277 6.83 -11.34 -4.52
CA THR A 277 5.70 -11.11 -5.43
C THR A 277 5.62 -9.63 -5.80
N HIS A 278 5.74 -8.76 -4.79
CA HIS A 278 5.82 -7.32 -5.05
C HIS A 278 7.01 -6.93 -5.92
N MET A 279 8.20 -7.47 -5.65
CA MET A 279 9.38 -7.07 -6.41
C MET A 279 9.27 -7.49 -7.88
N LEU A 280 8.78 -8.71 -8.12
CA LEU A 280 8.57 -9.20 -9.49
C LEU A 280 7.47 -8.42 -10.17
N GLY A 281 6.40 -8.17 -9.44
CA GLY A 281 5.29 -7.40 -9.96
C GLY A 281 5.68 -6.00 -10.37
N HIS A 282 6.57 -5.37 -9.60
N HIS A 282 6.56 -5.37 -9.61
CA HIS A 282 6.98 -3.99 -9.85
CA HIS A 282 6.99 -4.00 -9.89
C HIS A 282 7.60 -3.83 -11.25
C HIS A 282 7.51 -3.88 -11.31
N GLU A 283 8.35 -4.84 -11.71
CA GLU A 283 8.95 -4.77 -13.05
C GLU A 283 7.90 -4.83 -14.15
N LEU A 284 6.79 -5.53 -13.91
CA LEU A 284 5.68 -5.55 -14.88
C LEU A 284 5.01 -4.19 -15.00
N THR A 285 4.87 -3.48 -13.88
CA THR A 285 4.30 -2.15 -13.93
C THR A 285 5.25 -1.18 -14.65
N ALA A 286 6.53 -1.24 -14.28
CA ALA A 286 7.53 -0.35 -14.85
C ALA A 286 7.65 -0.53 -16.37
N MET A 287 7.62 -1.78 -16.81
CA MET A 287 7.84 -2.05 -18.23
C MET A 287 6.58 -2.03 -19.10
N HIS A 288 5.46 -2.48 -18.54
CA HIS A 288 4.25 -2.67 -19.34
C HIS A 288 3.07 -1.81 -18.86
N GLY A 289 3.23 -1.09 -17.76
CA GLY A 289 2.18 -0.18 -17.30
C GLY A 289 0.96 -0.81 -16.64
N LEU A 290 1.05 -2.09 -16.28
CA LEU A 290 -0.05 -2.76 -15.61
C LEU A 290 -0.30 -2.14 -14.24
N ASP A 291 -1.55 -2.13 -13.78
CA ASP A 291 -1.87 -1.68 -12.42
C ASP A 291 -1.05 -2.48 -11.41
N HIS A 292 -0.64 -1.85 -10.33
CA HIS A 292 0.07 -2.55 -9.23
C HIS A 292 -0.60 -3.88 -8.89
N ALA A 293 -1.88 -3.85 -8.60
CA ALA A 293 -2.58 -5.05 -8.14
C ALA A 293 -2.68 -6.12 -9.23
N GLN A 294 -2.77 -5.70 -10.50
CA GLN A 294 -2.79 -6.68 -11.59
C GLN A 294 -1.48 -7.46 -11.62
N THR A 295 -0.37 -6.78 -11.40
CA THR A 295 0.91 -7.48 -11.43
C THR A 295 1.01 -8.49 -10.28
N LEU A 296 0.40 -8.16 -9.14
CA LEU A 296 0.42 -9.08 -7.99
C LEU A 296 -0.45 -10.31 -8.24
N ALA A 297 -1.61 -10.11 -8.86
CA ALA A 297 -2.52 -11.20 -9.14
C ALA A 297 -1.89 -12.18 -10.13
N ILE A 298 -1.09 -11.65 -11.04
CA ILE A 298 -0.37 -12.49 -11.98
C ILE A 298 0.74 -13.29 -11.29
N VAL A 299 1.60 -12.60 -10.55
CA VAL A 299 2.79 -13.25 -10.00
C VAL A 299 2.50 -14.19 -8.84
N LEU A 300 1.62 -13.80 -7.92
CA LEU A 300 1.44 -14.58 -6.68
C LEU A 300 1.18 -16.08 -6.91
N PRO A 301 0.17 -16.45 -7.72
CA PRO A 301 -0.08 -17.89 -7.78
C PRO A 301 1.05 -18.64 -8.46
N ALA A 302 1.71 -18.02 -9.45
CA ALA A 302 2.86 -18.66 -10.07
C ALA A 302 4.01 -18.80 -9.07
N LEU A 303 4.21 -17.77 -8.25
CA LEU A 303 5.29 -17.80 -7.26
C LEU A 303 5.04 -18.87 -6.21
N TRP A 304 3.79 -18.96 -5.76
CA TRP A 304 3.42 -19.94 -4.74
C TRP A 304 3.67 -21.37 -5.24
N ASN A 305 3.32 -21.66 -6.48
CA ASN A 305 3.57 -23.00 -7.00
C ASN A 305 5.06 -23.29 -7.07
N GLU A 306 5.83 -22.29 -7.47
CA GLU A 306 7.28 -22.43 -7.57
C GLU A 306 7.93 -22.62 -6.20
N LYS A 307 7.39 -21.96 -5.19
CA LYS A 307 7.96 -21.97 -3.86
C LYS A 307 7.18 -22.89 -2.92
N ARG A 308 6.50 -23.88 -3.47
CA ARG A 308 5.61 -24.71 -2.67
C ARG A 308 6.39 -25.57 -1.67
N ASP A 309 7.67 -25.77 -1.94
CA ASP A 309 8.54 -26.51 -1.01
C ASP A 309 8.80 -25.71 0.28
N THR A 310 9.42 -24.54 0.14
CA THR A 310 9.77 -23.76 1.32
C THR A 310 8.53 -23.18 2.00
N LYS A 311 7.47 -22.96 1.23
CA LYS A 311 6.25 -22.38 1.80
C LYS A 311 5.23 -23.44 2.20
N ARG A 312 5.63 -24.71 2.17
CA ARG A 312 4.69 -25.80 2.28
C ARG A 312 3.81 -25.72 3.53
N ALA A 313 4.40 -25.58 4.71
CA ALA A 313 3.63 -25.56 5.94
C ALA A 313 2.61 -24.42 6.00
N LYS A 314 3.03 -23.21 5.61
CA LYS A 314 2.10 -22.09 5.67
C LYS A 314 1.08 -22.13 4.53
N LEU A 315 1.43 -22.73 3.39
CA LEU A 315 0.42 -22.93 2.36
C LEU A 315 -0.68 -23.88 2.84
N LEU A 316 -0.30 -24.93 3.57
CA LEU A 316 -1.30 -25.85 4.11
C LEU A 316 -2.12 -25.20 5.23
N GLN A 317 -1.47 -24.36 6.03
CA GLN A 317 -2.19 -23.65 7.10
C GLN A 317 -3.19 -22.68 6.48
N TYR A 318 -2.73 -21.96 5.46
CA TYR A 318 -3.56 -21.03 4.71
C TYR A 318 -4.76 -21.76 4.11
N ALA A 319 -4.51 -22.92 3.52
CA ALA A 319 -5.57 -23.69 2.87
C ALA A 319 -6.65 -24.08 3.86
N GLU A 320 -6.24 -24.53 5.04
CA GLU A 320 -7.17 -24.94 6.07
C GLU A 320 -7.87 -23.76 6.74
N ARG A 321 -7.09 -22.77 7.20
CA ARG A 321 -7.62 -21.67 8.01
C ARG A 321 -8.40 -20.65 7.21
N VAL A 322 -7.98 -20.40 5.97
CA VAL A 322 -8.64 -19.36 5.18
C VAL A 322 -9.65 -19.95 4.19
N TRP A 323 -9.35 -21.10 3.61
CA TRP A 323 -10.23 -21.67 2.58
C TRP A 323 -10.98 -22.93 2.99
N ASN A 324 -10.80 -23.36 4.23
CA ASN A 324 -11.46 -24.55 4.76
C ASN A 324 -11.13 -25.81 3.95
N ILE A 325 -9.92 -25.86 3.40
CA ILE A 325 -9.45 -27.02 2.65
C ILE A 325 -8.73 -27.97 3.59
N THR A 326 -9.37 -29.09 3.90
CA THR A 326 -8.84 -30.01 4.91
C THR A 326 -8.63 -31.42 4.37
N GLU A 327 -9.33 -31.75 3.29
CA GLU A 327 -9.30 -33.10 2.73
C GLU A 327 -8.27 -33.23 1.61
N GLY A 328 -7.71 -34.44 1.45
CA GLY A 328 -6.80 -34.74 0.35
C GLY A 328 -5.35 -34.67 0.75
N SER A 329 -4.43 -35.02 -0.15
CA SER A 329 -2.99 -34.87 0.10
C SER A 329 -2.56 -33.43 0.28
N ASP A 330 -1.36 -33.29 0.81
CA ASP A 330 -0.71 -32.01 0.94
C ASP A 330 -0.66 -31.32 -0.42
N ASP A 331 -0.20 -32.03 -1.45
CA ASP A 331 -0.11 -31.40 -2.77
C ASP A 331 -1.48 -31.01 -3.32
N GLU A 332 -2.48 -31.86 -3.12
CA GLU A 332 -3.84 -31.54 -3.56
C GLU A 332 -4.38 -30.34 -2.80
N ARG A 333 -4.11 -30.28 -1.50
CA ARG A 333 -4.61 -29.17 -0.70
C ARG A 333 -3.95 -27.86 -1.12
N ILE A 334 -2.63 -27.89 -1.36
CA ILE A 334 -1.92 -26.71 -1.80
C ILE A 334 -2.40 -26.29 -3.19
N ASP A 335 -2.55 -27.26 -4.09
CA ASP A 335 -3.09 -26.96 -5.43
C ASP A 335 -4.45 -26.30 -5.33
N ALA A 336 -5.32 -26.82 -4.46
CA ALA A 336 -6.65 -26.25 -4.33
C ALA A 336 -6.62 -24.84 -3.74
N ALA A 337 -5.67 -24.59 -2.83
CA ALA A 337 -5.54 -23.27 -2.21
C ALA A 337 -5.06 -22.26 -3.22
N ILE A 338 -4.09 -22.65 -4.05
CA ILE A 338 -3.59 -21.77 -5.11
C ILE A 338 -4.72 -21.48 -6.12
N ALA A 339 -5.48 -22.51 -6.49
CA ALA A 339 -6.57 -22.33 -7.44
C ALA A 339 -7.68 -21.43 -6.88
N ALA A 340 -8.00 -21.61 -5.60
CA ALA A 340 -9.02 -20.78 -4.96
C ALA A 340 -8.60 -19.31 -4.93
N THR A 341 -7.29 -19.08 -4.71
CA THR A 341 -6.75 -17.73 -4.68
C THR A 341 -6.81 -17.09 -6.06
N ARG A 342 -6.38 -17.84 -7.07
CA ARG A 342 -6.47 -17.39 -8.44
C ARG A 342 -7.91 -17.05 -8.79
N ASN A 343 -8.82 -17.96 -8.47
CA ASN A 343 -10.23 -17.72 -8.77
C ASN A 343 -10.79 -16.49 -8.07
N PHE A 344 -10.38 -16.28 -6.81
CA PHE A 344 -10.82 -15.11 -6.05
C PHE A 344 -10.42 -13.82 -6.79
N PHE A 345 -9.16 -13.74 -7.23
CA PHE A 345 -8.69 -12.58 -7.98
C PHE A 345 -9.47 -12.41 -9.29
N GLU A 346 -9.64 -13.50 -10.02
CA GLU A 346 -10.36 -13.41 -11.30
C GLU A 346 -11.81 -12.96 -11.13
N GLN A 347 -12.48 -13.44 -10.08
CA GLN A 347 -13.89 -13.06 -9.85
C GLN A 347 -14.01 -11.61 -9.39
N LEU A 348 -12.94 -11.04 -8.86
CA LEU A 348 -12.89 -9.60 -8.58
C LEU A 348 -12.68 -8.78 -9.85
N GLY A 349 -12.43 -9.46 -10.97
CA GLY A 349 -12.18 -8.78 -12.23
C GLY A 349 -10.72 -8.48 -12.48
N VAL A 350 -9.83 -9.20 -11.78
CA VAL A 350 -8.39 -9.01 -11.92
C VAL A 350 -7.72 -10.28 -12.44
N PRO A 351 -7.52 -10.37 -13.77
CA PRO A 351 -6.96 -11.55 -14.43
C PRO A 351 -5.56 -11.92 -13.95
N THR A 352 -5.23 -13.20 -14.01
CA THR A 352 -4.00 -13.68 -13.39
C THR A 352 -2.94 -14.28 -14.32
N HIS A 353 -3.08 -14.10 -15.64
CA HIS A 353 -2.05 -14.53 -16.57
C HIS A 353 -1.59 -13.39 -17.46
N LEU A 354 -0.31 -13.40 -17.85
CA LEU A 354 0.25 -12.36 -18.72
C LEU A 354 -0.56 -12.27 -20.01
N SER A 355 -0.98 -13.42 -20.52
CA SER A 355 -1.72 -13.43 -21.79
C SER A 355 -3.06 -12.67 -21.71
N ASP A 356 -3.66 -12.60 -20.52
CA ASP A 356 -4.89 -11.83 -20.33
C ASP A 356 -4.70 -10.35 -20.59
N TYR A 357 -3.45 -9.89 -20.53
CA TYR A 357 -3.10 -8.49 -20.72
C TYR A 357 -2.39 -8.24 -22.05
N GLY A 358 -2.40 -9.25 -22.90
CA GLY A 358 -1.78 -9.14 -24.22
C GLY A 358 -0.28 -9.32 -24.24
N LEU A 359 0.28 -9.86 -23.16
CA LEU A 359 1.72 -10.05 -23.03
C LEU A 359 2.02 -11.53 -23.22
N ASP A 360 2.87 -11.85 -24.20
CA ASP A 360 3.11 -13.25 -24.54
C ASP A 360 4.32 -13.86 -23.83
N GLY A 361 5.01 -13.08 -22.98
CA GLY A 361 6.20 -13.58 -22.31
C GLY A 361 7.53 -13.28 -23.01
N SER A 362 7.47 -12.71 -24.22
CA SER A 362 8.69 -12.34 -24.92
C SER A 362 9.45 -11.25 -24.18
N SER A 363 8.80 -10.55 -23.25
CA SER A 363 9.50 -9.50 -22.51
C SER A 363 10.29 -10.04 -21.31
N ILE A 364 10.19 -11.33 -21.02
CA ILE A 364 10.82 -11.85 -19.81
C ILE A 364 12.34 -11.64 -19.79
N PRO A 365 13.04 -11.79 -20.94
CA PRO A 365 14.47 -11.48 -20.84
C PRO A 365 14.72 -10.03 -20.42
N ALA A 366 13.90 -9.10 -20.92
CA ALA A 366 14.05 -7.70 -20.55
C ALA A 366 13.68 -7.47 -19.08
N LEU A 367 12.67 -8.19 -18.59
CA LEU A 367 12.27 -8.09 -17.18
C LEU A 367 13.40 -8.54 -16.25
N LEU A 368 14.04 -9.64 -16.61
CA LEU A 368 15.12 -10.19 -15.80
C LEU A 368 16.32 -9.25 -15.78
N LYS A 369 16.59 -8.59 -16.91
CA LYS A 369 17.64 -7.57 -16.96
C LYS A 369 17.33 -6.43 -15.98
N LYS A 370 16.07 -6.01 -15.94
CA LYS A 370 15.66 -4.96 -15.01
C LYS A 370 15.78 -5.39 -13.56
N LEU A 371 15.35 -6.61 -13.24
CA LEU A 371 15.53 -7.15 -11.89
C LEU A 371 17.00 -7.09 -11.50
N GLU A 372 17.87 -7.52 -12.40
CA GLU A 372 19.29 -7.54 -12.08
C GLU A 372 19.81 -6.12 -11.89
N GLU A 373 19.36 -5.21 -12.75
CA GLU A 373 19.77 -3.81 -12.66
C GLU A 373 19.33 -3.21 -11.31
N HIS A 374 18.18 -3.65 -10.83
CA HIS A 374 17.61 -3.10 -9.61
C HIS A 374 18.04 -3.85 -8.36
N GLY A 375 18.96 -4.81 -8.53
CA GLY A 375 19.53 -5.54 -7.41
C GLY A 375 18.60 -6.57 -6.81
N MET A 376 17.56 -6.94 -7.56
CA MET A 376 16.56 -7.88 -7.08
C MET A 376 16.89 -9.32 -7.47
N THR A 377 18.01 -9.85 -6.97
CA THR A 377 18.64 -11.07 -7.49
C THR A 377 18.63 -12.25 -6.45
N GLN A 378 18.24 -11.95 -5.18
CA GLN A 378 18.14 -12.85 -4.02
C GLN A 378 16.82 -12.71 -3.34
N LEU A 379 15.70 -12.87 -4.02
CA LEU A 379 14.44 -12.46 -3.43
C LEU A 379 13.85 -13.51 -2.49
N GLY A 380 12.86 -13.08 -1.70
CA GLY A 380 12.07 -13.97 -0.87
C GLY A 380 12.54 -14.06 0.56
N GLU A 381 11.72 -14.64 1.43
CA GLU A 381 12.08 -14.75 2.85
C GLU A 381 13.30 -15.64 3.05
N ASN A 382 13.59 -16.49 2.08
CA ASN A 382 14.77 -17.37 2.16
C ASN A 382 15.94 -16.85 1.35
N HIS A 383 15.75 -15.69 0.73
CA HIS A 383 16.78 -15.06 -0.09
C HIS A 383 17.26 -15.98 -1.20
N ASP A 384 16.35 -16.82 -1.70
CA ASP A 384 16.68 -17.87 -2.66
C ASP A 384 16.04 -17.72 -4.04
N ILE A 385 15.32 -16.62 -4.25
CA ILE A 385 14.69 -16.42 -5.56
C ILE A 385 15.67 -15.63 -6.41
N THR A 386 16.55 -16.38 -7.08
CA THR A 386 17.57 -15.82 -7.95
C THR A 386 16.98 -15.62 -9.36
N LEU A 387 17.76 -15.08 -10.29
CA LEU A 387 17.20 -14.70 -11.59
C LEU A 387 16.61 -15.89 -12.35
N ASP A 388 17.22 -17.05 -12.24
CA ASP A 388 16.71 -18.25 -12.90
C ASP A 388 15.38 -18.69 -12.30
N VAL A 389 15.18 -18.44 -11.01
CA VAL A 389 13.91 -18.73 -10.36
C VAL A 389 12.83 -17.71 -10.79
N SER A 390 13.21 -16.45 -10.79
CA SER A 390 12.30 -15.40 -11.27
C SER A 390 11.87 -15.67 -12.72
N ARG A 391 12.81 -16.15 -13.52
CA ARG A 391 12.51 -16.55 -14.88
C ARG A 391 11.42 -17.62 -14.91
N ARG A 392 11.57 -18.66 -14.08
CA ARG A 392 10.57 -19.73 -14.05
C ARG A 392 9.21 -19.23 -13.60
N ILE A 393 9.21 -18.29 -12.67
CA ILE A 393 7.95 -17.73 -12.17
C ILE A 393 7.23 -16.91 -13.25
N TYR A 394 7.94 -16.00 -13.90
CA TYR A 394 7.35 -15.23 -15.00
C TYR A 394 6.86 -16.16 -16.12
N GLU A 395 7.65 -17.17 -16.43
CA GLU A 395 7.29 -18.10 -17.49
C GLU A 395 5.99 -18.84 -17.15
N ALA A 396 5.87 -19.30 -15.91
CA ALA A 396 4.68 -20.01 -15.47
C ALA A 396 3.47 -19.09 -15.42
N ALA A 397 3.71 -17.79 -15.34
CA ALA A 397 2.64 -16.82 -15.23
C ALA A 397 2.08 -16.42 -16.59
N ARG A 398 2.66 -16.97 -17.66
CA ARG A 398 2.26 -16.55 -19.01
C ARG A 398 0.78 -16.80 -19.29
#